data_8VV8
#
_entry.id   8VV8
#
_cell.length_a   56.614
_cell.length_b   78.255
_cell.length_c   73.285
_cell.angle_alpha   90.00
_cell.angle_beta   91.33
_cell.angle_gamma   90.00
#
_symmetry.space_group_name_H-M   'P 1 21 1'
#
loop_
_entity.id
_entity.type
_entity.pdbx_description
1 polymer 'Histone-lysine N-methyltransferase EHMT2'
2 non-polymer S-ADENOSYLMETHIONINE
3 non-polymer (2R)-1-(azetidin-1-yl)-3-(2-methoxy-5-{[4-methyl-6-(methylamino)pyrimidin-2-yl]amino}phenoxy)propan-2-ol
4 non-polymer 'ZINC ION'
5 water water
#
_entity_poly.entity_id   1
_entity_poly.type   'polypeptide(L)'
_entity_poly.pdbx_seq_one_letter_code
;SNRAIRTEKIICRDVARGYENVPIPCVNGVDGEPCPEDYKYISENCETSTMNIDRNITHLQHCTCVDDCSSSNCLCGQLS
IRCWYDKDGRLLQEFNKIEPPLIFECNQACSCWRNCKNRVVQSGIKVRLQLYRTAKMGWGVRALQTIPQGTFICEYVGEL
ISDAEADVREDDSYLFDLDNKDGEVYCIDARYYGNISRFINHLCDPNIIPVRVFMLHQDLRFPRIAFFSSRDIRTGEELG
FDYGDRFWDIKSKYFTCQCGSEKCKHSAEAIALEQSRLARLD
;
_entity_poly.pdbx_strand_id   A,B
#
loop_
_chem_comp.id
_chem_comp.type
_chem_comp.name
_chem_comp.formula
A1AEB non-polymer (2R)-1-(azetidin-1-yl)-3-(2-methoxy-5-{[4-methyl-6-(methylamino)pyrimidin-2-yl]amino}phenoxy)propan-2-ol 'C19 H27 N5 O3'
SAM non-polymer S-ADENOSYLMETHIONINE 'C15 H22 N6 O5 S'
ZN non-polymer 'ZINC ION' 'Zn 2'
#
# COMPACT_ATOMS: atom_id res chain seq x y z
N ARG A 6 -18.30 37.35 11.08
CA ARG A 6 -17.29 36.27 11.26
C ARG A 6 -17.55 35.20 10.22
N THR A 7 -16.71 35.17 9.20
CA THR A 7 -16.93 34.30 8.05
C THR A 7 -16.27 32.95 8.28
N GLU A 8 -16.73 31.93 7.55
CA GLU A 8 -16.10 30.61 7.59
C GLU A 8 -15.01 30.56 6.52
N LYS A 9 -13.76 30.30 6.93
CA LYS A 9 -12.63 30.48 6.03
C LYS A 9 -11.95 29.15 5.75
N ILE A 10 -11.56 28.92 4.49
CA ILE A 10 -10.89 27.68 4.10
C ILE A 10 -9.39 27.85 4.31
N ILE A 11 -8.87 27.05 5.24
CA ILE A 11 -7.59 27.24 5.87
C ILE A 11 -6.58 26.23 5.32
N CYS A 12 -7.08 25.12 4.77
CA CYS A 12 -6.22 24.12 4.15
C CYS A 12 -7.08 23.31 3.19
N ARG A 13 -6.61 23.15 1.97
CA ARG A 13 -7.37 22.45 0.93
C ARG A 13 -7.38 20.96 1.22
N ASP A 14 -6.32 20.44 1.88
CA ASP A 14 -6.24 19.03 2.14
C ASP A 14 -5.19 18.77 3.22
N VAL A 15 -5.67 18.46 4.44
CA VAL A 15 -4.77 18.15 5.54
C VAL A 15 -4.05 16.84 5.32
N ALA A 16 -4.55 15.98 4.41
CA ALA A 16 -3.94 14.68 4.15
C ALA A 16 -2.85 14.79 3.08
N ARG A 17 -2.61 15.98 2.52
CA ARG A 17 -1.55 16.19 1.54
C ARG A 17 -1.66 15.18 0.40
N GLY A 18 -2.90 14.90 -0.04
CA GLY A 18 -3.14 14.02 -1.15
C GLY A 18 -2.94 12.53 -0.86
N TYR A 19 -2.80 12.15 0.42
CA TYR A 19 -2.58 10.74 0.73
C TYR A 19 -3.90 9.97 0.76
N GLU A 20 -5.07 10.64 0.79
CA GLU A 20 -6.30 9.86 0.82
C GLU A 20 -6.92 9.82 -0.59
N ASN A 21 -7.98 9.02 -0.77
CA ASN A 21 -8.65 8.96 -2.06
C ASN A 21 -9.27 10.31 -2.39
N VAL A 22 -9.63 11.08 -1.36
CA VAL A 22 -10.28 12.36 -1.56
C VAL A 22 -9.55 13.39 -0.67
N PRO A 23 -9.60 14.68 -1.02
CA PRO A 23 -9.06 15.73 -0.15
C PRO A 23 -9.90 15.90 1.12
N ILE A 24 -9.24 16.29 2.22
CA ILE A 24 -9.94 16.59 3.46
C ILE A 24 -9.62 18.03 3.87
N PRO A 25 -10.47 19.01 3.50
CA PRO A 25 -10.19 20.41 3.78
C PRO A 25 -10.46 20.75 5.24
N CYS A 26 -9.85 21.88 5.66
CA CYS A 26 -10.01 22.45 6.98
C CYS A 26 -10.60 23.86 6.85
N VAL A 27 -11.68 24.12 7.58
CA VAL A 27 -12.25 25.45 7.70
C VAL A 27 -12.34 25.83 9.17
N ASN A 28 -12.46 27.13 9.40
CA ASN A 28 -12.68 27.67 10.73
C ASN A 28 -13.55 28.91 10.62
N GLY A 29 -14.76 28.83 11.15
CA GLY A 29 -15.66 29.98 11.17
C GLY A 29 -15.99 30.42 12.59
N VAL A 30 -15.21 29.97 13.58
CA VAL A 30 -15.52 30.15 14.98
C VAL A 30 -14.47 31.03 15.64
N ASP A 31 -13.18 30.81 15.38
CA ASP A 31 -12.17 31.55 16.11
C ASP A 31 -10.92 31.74 15.26
N GLY A 32 -9.84 32.18 15.91
CA GLY A 32 -8.62 32.50 15.20
C GLY A 32 -7.59 31.36 15.19
N GLU A 33 -7.98 30.14 15.60
CA GLU A 33 -7.07 29.00 15.59
C GLU A 33 -6.60 28.72 14.18
N PRO A 34 -5.26 28.63 13.94
CA PRO A 34 -4.75 28.28 12.62
C PRO A 34 -4.89 26.79 12.36
N CYS A 35 -4.64 26.38 11.11
CA CYS A 35 -4.68 24.97 10.74
C CYS A 35 -3.76 24.19 11.68
N PRO A 36 -4.21 23.08 12.31
CA PRO A 36 -3.36 22.35 13.25
C PRO A 36 -2.17 21.72 12.53
N GLU A 37 -0.97 21.92 13.06
CA GLU A 37 0.23 21.39 12.45
C GLU A 37 1.18 20.83 13.49
N ASP A 38 0.68 20.55 14.69
CA ASP A 38 1.51 20.04 15.77
C ASP A 38 1.53 18.51 15.74
N TYR A 39 1.54 17.91 14.56
CA TYR A 39 1.42 16.47 14.39
C TYR A 39 1.75 16.18 12.94
N LYS A 40 2.04 14.91 12.64
CA LYS A 40 2.35 14.49 11.28
C LYS A 40 1.19 13.67 10.72
N TYR A 41 0.59 14.14 9.61
CA TYR A 41 -0.52 13.40 9.00
C TYR A 41 0.07 12.17 8.28
N ILE A 42 -0.44 10.98 8.63
CA ILE A 42 -0.11 9.74 7.96
C ILE A 42 -1.41 9.02 7.63
N SER A 43 -1.45 8.40 6.44
CA SER A 43 -2.65 7.69 6.02
C SER A 43 -2.66 6.24 6.51
N GLU A 44 -1.50 5.70 6.92
CA GLU A 44 -1.49 4.35 7.45
C GLU A 44 -0.63 4.29 8.69
N ASN A 45 -0.90 3.28 9.52
CA ASN A 45 -0.27 3.15 10.82
C ASN A 45 1.24 3.11 10.67
N CYS A 46 1.97 3.67 11.64
CA CYS A 46 3.43 3.69 11.53
C CYS A 46 4.04 3.02 12.76
N GLU A 47 5.33 2.65 12.64
CA GLU A 47 6.08 2.03 13.72
C GLU A 47 7.21 2.96 14.14
N THR A 48 7.48 3.01 15.44
CA THR A 48 8.61 3.76 15.99
C THR A 48 9.43 2.86 16.90
N SER A 49 9.15 1.55 16.90
CA SER A 49 9.94 0.57 17.62
C SER A 49 9.71 -0.79 16.96
N THR A 50 10.45 -1.81 17.42
CA THR A 50 10.39 -3.14 16.84
C THR A 50 9.07 -3.80 17.22
N MET A 51 8.18 -4.01 16.23
CA MET A 51 6.86 -4.56 16.46
C MET A 51 6.80 -5.98 15.90
N ASN A 52 7.49 -6.19 14.76
CA ASN A 52 7.50 -7.44 14.01
C ASN A 52 6.08 -7.93 13.75
N ILE A 53 5.33 -7.12 13.00
CA ILE A 53 4.02 -7.49 12.52
C ILE A 53 4.20 -8.69 11.59
N ASP A 54 3.43 -9.76 11.80
CA ASP A 54 3.60 -10.94 10.98
C ASP A 54 3.07 -10.63 9.58
N ARG A 55 3.97 -10.50 8.59
CA ARG A 55 3.53 -10.25 7.22
C ARG A 55 3.80 -11.46 6.35
N ASN A 56 4.13 -12.61 6.95
CA ASN A 56 4.34 -13.86 6.22
C ASN A 56 3.07 -14.19 5.45
N ILE A 57 3.16 -14.22 4.11
CA ILE A 57 2.00 -14.40 3.24
C ILE A 57 1.41 -15.80 3.43
N THR A 58 2.24 -16.77 3.85
CA THR A 58 1.79 -18.14 4.07
C THR A 58 0.98 -18.20 5.37
N HIS A 59 0.95 -17.11 6.14
CA HIS A 59 0.18 -17.12 7.37
C HIS A 59 -1.19 -16.53 7.12
N LEU A 60 -1.48 -16.03 5.93
CA LEU A 60 -2.80 -15.47 5.67
C LEU A 60 -3.80 -16.59 5.43
N GLN A 61 -4.91 -16.58 6.15
CA GLN A 61 -6.06 -17.36 5.74
C GLN A 61 -6.67 -16.63 4.56
N HIS A 62 -7.13 -17.39 3.57
CA HIS A 62 -7.49 -16.81 2.29
C HIS A 62 -8.55 -17.68 1.65
N CYS A 63 -9.33 -17.10 0.73
CA CYS A 63 -10.39 -17.84 0.08
C CYS A 63 -9.92 -18.38 -1.28
N THR A 64 -10.69 -19.33 -1.84
CA THR A 64 -10.46 -19.86 -3.18
C THR A 64 -11.54 -19.42 -4.17
N CYS A 65 -12.28 -18.35 -3.84
CA CYS A 65 -13.38 -17.86 -4.66
C CYS A 65 -12.94 -17.42 -6.06
N VAL A 66 -13.73 -17.81 -7.07
CA VAL A 66 -13.59 -17.32 -8.44
C VAL A 66 -14.80 -16.48 -8.84
N ASP A 67 -15.62 -16.06 -7.88
CA ASP A 67 -16.68 -15.08 -8.13
C ASP A 67 -16.25 -13.78 -7.46
N ASP A 68 -17.21 -12.96 -7.02
CA ASP A 68 -16.93 -11.66 -6.41
C ASP A 68 -16.96 -11.74 -4.88
N CYS A 69 -16.88 -12.96 -4.33
CA CYS A 69 -16.87 -13.20 -2.89
C CYS A 69 -18.19 -12.80 -2.23
N SER A 70 -19.30 -12.93 -2.96
CA SER A 70 -20.61 -12.64 -2.39
C SER A 70 -21.32 -13.91 -1.91
N SER A 71 -20.67 -15.07 -2.04
CA SER A 71 -21.33 -16.31 -1.66
C SER A 71 -20.93 -16.61 -0.21
N SER A 72 -21.77 -17.37 0.48
CA SER A 72 -21.50 -17.76 1.85
C SER A 72 -20.36 -18.76 1.94
N ASN A 73 -19.88 -19.26 0.80
CA ASN A 73 -18.80 -20.23 0.78
C ASN A 73 -17.41 -19.57 0.82
N CYS A 74 -17.34 -18.24 0.80
CA CYS A 74 -16.09 -17.52 0.91
C CYS A 74 -15.50 -17.72 2.32
N LEU A 75 -14.33 -18.35 2.38
CA LEU A 75 -13.66 -18.62 3.65
C LEU A 75 -13.50 -17.33 4.44
N CYS A 76 -13.17 -16.24 3.75
CA CYS A 76 -12.87 -14.99 4.45
C CYS A 76 -14.11 -14.46 5.16
N GLY A 77 -15.26 -14.49 4.47
CA GLY A 77 -16.54 -14.18 5.09
C GLY A 77 -16.83 -15.05 6.32
N GLN A 78 -16.56 -16.35 6.20
CA GLN A 78 -16.84 -17.29 7.28
C GLN A 78 -15.99 -16.98 8.51
N LEU A 79 -14.76 -16.49 8.31
CA LEU A 79 -13.92 -16.12 9.45
C LEU A 79 -14.59 -14.98 10.21
N SER A 80 -15.41 -14.21 9.49
CA SER A 80 -16.07 -13.01 9.97
C SER A 80 -17.48 -13.36 10.47
N ILE A 81 -17.73 -14.68 10.63
CA ILE A 81 -19.03 -15.35 10.68
C ILE A 81 -19.71 -15.37 9.30
N ARG A 82 -19.96 -14.20 8.73
CA ARG A 82 -20.31 -14.05 7.34
C ARG A 82 -19.68 -12.73 6.87
N CYS A 83 -19.64 -12.51 5.57
CA CYS A 83 -19.34 -11.19 5.09
C CYS A 83 -20.49 -10.26 5.51
N TRP A 84 -20.15 -9.09 6.10
CA TRP A 84 -21.16 -8.17 6.61
C TRP A 84 -21.43 -7.00 5.67
N TYR A 85 -20.80 -6.99 4.49
CA TYR A 85 -20.92 -5.90 3.56
C TYR A 85 -21.96 -6.28 2.52
N ASP A 86 -22.87 -5.36 2.21
CA ASP A 86 -23.87 -5.55 1.17
C ASP A 86 -23.21 -5.22 -0.16
N LYS A 87 -23.99 -5.26 -1.24
CA LYS A 87 -23.44 -5.13 -2.57
C LYS A 87 -22.79 -3.75 -2.73
N ASP A 88 -23.17 -2.77 -1.89
CA ASP A 88 -22.69 -1.41 -2.01
C ASP A 88 -21.58 -1.08 -1.01
N GLY A 89 -21.10 -2.06 -0.25
CA GLY A 89 -19.96 -1.82 0.63
C GLY A 89 -20.38 -1.38 2.04
N ARG A 90 -21.66 -1.54 2.37
CA ARG A 90 -22.25 -1.05 3.61
C ARG A 90 -22.61 -2.22 4.53
N LEU A 91 -22.35 -2.03 5.83
CA LEU A 91 -22.65 -3.03 6.84
C LEU A 91 -24.14 -3.37 6.77
N LEU A 92 -24.45 -4.65 6.95
CA LEU A 92 -25.83 -5.11 7.02
C LEU A 92 -26.51 -4.46 8.23
N GLN A 93 -27.80 -4.17 8.06
CA GLN A 93 -28.63 -3.64 9.14
C GLN A 93 -28.51 -4.48 10.41
N GLU A 94 -28.37 -5.80 10.26
CA GLU A 94 -28.39 -6.70 11.40
C GLU A 94 -27.02 -6.77 12.08
N PHE A 95 -26.03 -6.04 11.55
CA PHE A 95 -24.70 -6.04 12.14
C PHE A 95 -24.79 -5.68 13.62
N ASN A 96 -24.08 -6.46 14.43
CA ASN A 96 -24.01 -6.21 15.85
C ASN A 96 -23.11 -5.00 16.10
N LYS A 97 -23.75 -3.82 16.21
CA LYS A 97 -23.09 -2.55 16.46
C LYS A 97 -22.60 -2.45 17.91
N ILE A 98 -23.09 -3.33 18.80
CA ILE A 98 -22.76 -3.30 20.22
C ILE A 98 -21.45 -4.04 20.44
N GLU A 99 -21.41 -5.30 19.98
CA GLU A 99 -20.24 -6.15 20.13
C GLU A 99 -19.83 -6.59 18.72
N PRO A 100 -19.18 -5.72 17.93
CA PRO A 100 -18.84 -6.07 16.56
C PRO A 100 -17.92 -7.28 16.45
N PRO A 101 -18.16 -8.20 15.49
CA PRO A 101 -17.23 -9.31 15.26
C PRO A 101 -15.98 -8.79 14.56
N LEU A 102 -14.91 -9.58 14.59
CA LEU A 102 -13.69 -9.28 13.86
C LEU A 102 -13.95 -9.46 12.38
N ILE A 103 -13.54 -8.49 11.55
CA ILE A 103 -13.74 -8.63 10.12
C ILE A 103 -12.42 -9.01 9.46
N PHE A 104 -12.45 -10.08 8.66
CA PHE A 104 -11.36 -10.51 7.81
C PHE A 104 -11.70 -10.23 6.35
N GLU A 105 -11.11 -9.15 5.83
CA GLU A 105 -11.26 -8.84 4.42
C GLU A 105 -10.39 -9.79 3.61
N CYS A 106 -10.70 -9.88 2.33
CA CYS A 106 -9.87 -10.61 1.39
C CYS A 106 -8.51 -9.92 1.26
N ASN A 107 -7.54 -10.67 0.75
CA ASN A 107 -6.15 -10.26 0.83
C ASN A 107 -5.43 -10.79 -0.40
N GLN A 108 -4.12 -10.54 -0.43
CA GLN A 108 -3.27 -10.84 -1.56
C GLN A 108 -3.04 -12.35 -1.75
N ALA A 109 -3.39 -13.19 -0.75
CA ALA A 109 -3.31 -14.62 -0.91
C ALA A 109 -4.59 -15.20 -1.52
N CYS A 110 -5.70 -14.47 -1.44
CA CYS A 110 -7.00 -14.92 -1.93
C CYS A 110 -6.97 -15.03 -3.44
N SER A 111 -7.74 -15.96 -3.98
CA SER A 111 -7.77 -16.19 -5.42
C SER A 111 -8.62 -15.13 -6.11
N CYS A 112 -9.40 -14.35 -5.35
CA CYS A 112 -10.36 -13.43 -5.91
C CYS A 112 -9.67 -12.18 -6.41
N TRP A 113 -10.46 -11.31 -7.05
CA TRP A 113 -10.00 -10.04 -7.58
C TRP A 113 -10.03 -8.93 -6.54
N ARG A 114 -9.26 -7.89 -6.82
CA ARG A 114 -9.08 -6.75 -5.93
C ARG A 114 -10.40 -6.00 -5.72
N ASN A 115 -11.34 -6.21 -6.63
CA ASN A 115 -12.63 -5.53 -6.56
C ASN A 115 -13.73 -6.46 -6.04
N CYS A 116 -13.37 -7.55 -5.33
CA CYS A 116 -14.38 -8.41 -4.76
C CYS A 116 -15.14 -7.63 -3.68
N LYS A 117 -16.22 -8.24 -3.21
CA LYS A 117 -17.16 -7.59 -2.32
C LYS A 117 -16.65 -7.50 -0.89
N ASN A 118 -15.53 -8.15 -0.58
CA ASN A 118 -15.04 -8.16 0.78
C ASN A 118 -13.72 -7.36 0.92
N ARG A 119 -13.75 -6.10 0.49
CA ARG A 119 -12.56 -5.25 0.43
C ARG A 119 -12.89 -3.78 0.74
N VAL A 120 -13.83 -3.55 1.64
CA VAL A 120 -14.34 -2.20 1.86
C VAL A 120 -13.29 -1.32 2.52
N VAL A 121 -12.74 -1.79 3.65
CA VAL A 121 -11.87 -0.94 4.45
C VAL A 121 -10.56 -0.70 3.72
N GLN A 122 -10.03 -1.74 3.07
CA GLN A 122 -8.75 -1.62 2.39
C GLN A 122 -8.84 -0.66 1.20
N SER A 123 -10.05 -0.31 0.75
CA SER A 123 -10.20 0.57 -0.40
C SER A 123 -10.23 2.04 -0.01
N GLY A 124 -10.36 2.35 1.29
CA GLY A 124 -10.06 3.69 1.77
C GLY A 124 -11.30 4.59 1.80
N ILE A 125 -11.06 5.88 2.08
CA ILE A 125 -12.12 6.84 2.30
C ILE A 125 -12.81 7.11 0.96
N LYS A 126 -14.15 7.14 0.98
CA LYS A 126 -14.94 7.50 -0.18
C LYS A 126 -15.85 8.68 0.12
N VAL A 127 -16.19 8.94 1.39
CA VAL A 127 -17.08 10.05 1.69
C VAL A 127 -16.26 11.33 1.83
N ARG A 128 -16.92 12.47 1.56
CA ARG A 128 -16.31 13.79 1.71
C ARG A 128 -16.45 14.24 3.16
N LEU A 129 -15.31 14.51 3.80
CA LEU A 129 -15.26 14.95 5.18
C LEU A 129 -14.58 16.31 5.25
N GLN A 130 -14.73 16.96 6.40
CA GLN A 130 -14.18 18.28 6.61
C GLN A 130 -13.72 18.38 8.05
N LEU A 131 -12.52 18.94 8.21
CA LEU A 131 -12.01 19.30 9.52
C LEU A 131 -12.49 20.73 9.77
N TYR A 132 -13.16 20.96 10.89
CA TYR A 132 -13.74 22.27 11.14
C TYR A 132 -13.62 22.60 12.61
N ARG A 133 -13.67 23.89 12.89
CA ARG A 133 -13.60 24.36 14.25
C ARG A 133 -14.98 24.30 14.90
N THR A 134 -15.09 23.53 15.98
CA THR A 134 -16.34 23.41 16.70
C THR A 134 -16.48 24.60 17.62
N ALA A 135 -17.68 24.72 18.19
CA ALA A 135 -17.99 25.79 19.12
C ALA A 135 -17.31 25.57 20.46
N LYS A 136 -17.21 24.32 20.93
CA LYS A 136 -16.83 24.07 22.32
C LYS A 136 -15.85 22.92 22.50
N MET A 137 -15.45 22.23 21.42
CA MET A 137 -14.73 20.98 21.56
C MET A 137 -13.46 21.01 20.71
N GLY A 138 -12.95 22.20 20.35
CA GLY A 138 -11.80 22.36 19.49
C GLY A 138 -12.12 21.99 18.05
N TRP A 139 -11.17 21.31 17.41
CA TRP A 139 -11.38 20.79 16.07
C TRP A 139 -12.29 19.57 16.14
N GLY A 140 -13.06 19.39 15.07
CA GLY A 140 -13.90 18.22 14.90
C GLY A 140 -14.00 17.85 13.43
N VAL A 141 -14.70 16.76 13.14
CA VAL A 141 -14.80 16.28 11.78
C VAL A 141 -16.29 16.16 11.46
N ARG A 142 -16.70 16.72 10.31
CA ARG A 142 -18.10 16.58 9.92
C ARG A 142 -18.20 16.11 8.47
N ALA A 143 -19.39 15.59 8.16
CA ALA A 143 -19.70 15.11 6.82
C ALA A 143 -20.11 16.28 5.93
N LEU A 144 -19.65 16.27 4.67
CA LEU A 144 -20.06 17.23 3.67
C LEU A 144 -21.09 16.63 2.70
N GLN A 145 -21.69 15.50 3.06
CA GLN A 145 -22.66 14.82 2.23
C GLN A 145 -23.49 13.96 3.16
N THR A 146 -24.63 13.47 2.70
CA THR A 146 -25.40 12.51 3.47
C THR A 146 -24.62 11.20 3.42
N ILE A 147 -24.68 10.44 4.51
CA ILE A 147 -24.00 9.17 4.59
C ILE A 147 -24.99 8.14 5.13
N PRO A 148 -25.39 7.12 4.34
CA PRO A 148 -26.26 6.07 4.86
C PRO A 148 -25.63 5.28 6.00
N GLN A 149 -26.48 4.69 6.85
CA GLN A 149 -26.05 3.75 7.87
C GLN A 149 -25.16 2.66 7.26
N GLY A 150 -24.13 2.27 8.01
CA GLY A 150 -23.29 1.13 7.65
C GLY A 150 -22.18 1.45 6.66
N THR A 151 -21.96 2.74 6.39
CA THR A 151 -20.95 3.18 5.44
C THR A 151 -19.60 3.33 6.15
N PHE A 152 -18.54 2.85 5.50
CA PHE A 152 -17.18 3.05 6.00
C PHE A 152 -16.83 4.52 5.84
N ILE A 153 -16.33 5.10 6.93
CA ILE A 153 -16.02 6.52 7.03
C ILE A 153 -14.51 6.70 6.93
N CYS A 154 -13.76 6.16 7.89
CA CYS A 154 -12.32 6.32 7.90
C CYS A 154 -11.73 5.38 8.94
N GLU A 155 -10.41 5.29 8.94
CA GLU A 155 -9.70 4.40 9.85
C GLU A 155 -9.06 5.23 10.95
N TYR A 156 -8.97 4.67 12.16
CA TYR A 156 -8.25 5.32 13.25
C TYR A 156 -6.78 4.99 13.06
N VAL A 157 -6.00 5.96 12.57
CA VAL A 157 -4.63 5.73 12.18
C VAL A 157 -3.68 6.51 13.08
N GLY A 158 -2.55 5.87 13.41
CA GLY A 158 -1.50 6.52 14.18
C GLY A 158 -0.27 5.65 14.38
N GLU A 159 0.39 5.91 15.49
CA GLU A 159 1.65 5.31 15.86
C GLU A 159 1.36 4.11 16.74
N LEU A 160 1.82 2.91 16.34
CA LEU A 160 1.62 1.72 17.16
C LEU A 160 2.59 1.77 18.34
N ILE A 161 2.07 1.53 19.55
CA ILE A 161 2.91 1.51 20.73
C ILE A 161 2.45 0.35 21.62
N SER A 162 3.37 -0.11 22.48
CA SER A 162 3.05 -1.11 23.49
C SER A 162 2.25 -0.51 24.63
N ASP A 163 1.60 -1.39 25.39
CA ASP A 163 0.98 -1.02 26.66
C ASP A 163 2.00 -0.27 27.52
N ALA A 164 3.22 -0.78 27.64
CA ALA A 164 4.24 -0.17 28.49
C ALA A 164 4.53 1.26 28.04
N GLU A 165 4.59 1.49 26.73
CA GLU A 165 4.83 2.84 26.24
C GLU A 165 3.59 3.72 26.48
N ALA A 166 2.38 3.17 26.30
CA ALA A 166 1.17 3.94 26.57
C ALA A 166 1.16 4.45 28.01
N ASP A 167 1.64 3.59 28.94
CA ASP A 167 1.68 3.89 30.36
C ASP A 167 2.49 5.16 30.62
N VAL A 168 3.49 5.50 29.78
CA VAL A 168 4.32 6.66 30.10
C VAL A 168 4.05 7.82 29.15
N ARG A 169 3.08 7.71 28.23
CA ARG A 169 2.87 8.81 27.30
C ARG A 169 2.28 9.99 28.06
N GLU A 170 2.91 11.15 27.92
CA GLU A 170 2.49 12.37 28.60
C GLU A 170 1.10 12.79 28.16
N ASP A 171 0.80 12.75 26.85
CA ASP A 171 -0.53 13.07 26.35
C ASP A 171 -1.26 11.76 26.07
N ASP A 172 -2.36 11.53 26.80
CA ASP A 172 -3.14 10.31 26.66
C ASP A 172 -4.44 10.61 25.94
N SER A 173 -4.49 11.73 25.18
CA SER A 173 -5.74 12.22 24.61
C SER A 173 -6.10 11.55 23.28
N TYR A 174 -5.15 10.84 22.66
CA TYR A 174 -5.27 10.36 21.29
C TYR A 174 -5.01 8.86 21.21
N LEU A 175 -5.30 8.13 22.30
CA LEU A 175 -4.99 6.71 22.39
C LEU A 175 -6.22 5.92 21.94
N PHE A 176 -5.97 4.78 21.27
CA PHE A 176 -7.00 3.81 20.92
C PHE A 176 -6.44 2.42 21.20
N ASP A 177 -7.19 1.64 21.96
CA ASP A 177 -6.77 0.31 22.39
C ASP A 177 -7.11 -0.72 21.31
N LEU A 178 -6.10 -1.54 20.95
CA LEU A 178 -6.26 -2.68 20.06
C LEU A 178 -6.50 -3.95 20.87
N ASP A 179 -7.77 -4.35 21.03
CA ASP A 179 -8.09 -5.49 21.86
C ASP A 179 -7.72 -6.78 21.14
N ASN A 180 -7.10 -7.68 21.90
CA ASN A 180 -6.70 -8.98 21.41
C ASN A 180 -7.09 -10.01 22.47
N LYS A 181 -7.36 -11.25 22.04
CA LYS A 181 -7.68 -12.37 22.91
C LYS A 181 -6.83 -12.37 24.19
N ASP A 182 -5.52 -12.15 24.06
CA ASP A 182 -4.62 -12.12 25.20
C ASP A 182 -3.35 -11.35 24.81
N GLY A 183 -2.25 -11.56 25.54
CA GLY A 183 -0.92 -11.26 25.05
C GLY A 183 -0.40 -9.95 25.62
N GLU A 184 0.72 -9.47 25.05
CA GLU A 184 1.06 -8.06 25.11
C GLU A 184 -0.07 -7.30 24.43
N VAL A 185 -0.43 -6.13 24.95
CA VAL A 185 -1.57 -5.38 24.41
C VAL A 185 -0.95 -4.14 23.78
N TYR A 186 -1.53 -3.66 22.67
CA TYR A 186 -0.98 -2.52 21.97
C TYR A 186 -2.05 -1.44 21.81
N CYS A 187 -1.57 -0.22 21.48
CA CYS A 187 -2.40 0.95 21.31
C CYS A 187 -1.99 1.63 20.02
N ILE A 188 -2.92 2.38 19.43
CA ILE A 188 -2.56 3.38 18.45
C ILE A 188 -2.53 4.70 19.22
N ASP A 189 -1.43 5.47 19.06
CA ASP A 189 -1.37 6.82 19.58
C ASP A 189 -1.31 7.78 18.40
N ALA A 190 -2.36 8.60 18.24
CA ALA A 190 -2.47 9.52 17.12
C ALA A 190 -2.00 10.93 17.50
N ARG A 191 -1.34 11.07 18.66
CA ARG A 191 -0.89 12.39 19.11
C ARG A 191 0.18 12.97 18.17
N TYR A 192 1.22 12.20 17.85
CA TYR A 192 2.36 12.73 17.09
C TYR A 192 2.20 12.37 15.63
N TYR A 193 1.62 11.18 15.38
CA TYR A 193 1.36 10.67 14.05
C TYR A 193 -0.08 10.22 13.99
N GLY A 194 -0.87 10.73 13.03
CA GLY A 194 -2.28 10.38 12.92
C GLY A 194 -2.90 10.79 11.59
N ASN A 195 -4.11 10.29 11.30
CA ASN A 195 -4.87 10.76 10.16
C ASN A 195 -6.03 11.62 10.64
N ILE A 196 -7.03 11.82 9.77
CA ILE A 196 -8.22 12.62 10.09
C ILE A 196 -8.93 12.14 11.36
N SER A 197 -8.89 10.83 11.67
CA SER A 197 -9.61 10.28 12.81
C SER A 197 -9.18 10.91 14.14
N ARG A 198 -7.95 11.44 14.20
CA ARG A 198 -7.43 12.01 15.44
C ARG A 198 -8.24 13.23 15.86
N PHE A 199 -9.05 13.77 14.95
CA PHE A 199 -9.80 14.98 15.24
C PHE A 199 -11.26 14.67 15.54
N ILE A 200 -11.65 13.39 15.54
CA ILE A 200 -13.02 13.01 15.81
C ILE A 200 -13.29 13.06 17.32
N ASN A 201 -14.35 13.80 17.69
CA ASN A 201 -14.66 14.05 19.09
C ASN A 201 -15.56 12.95 19.65
N HIS A 202 -15.68 12.97 20.98
CA HIS A 202 -16.59 12.09 21.69
C HIS A 202 -18.00 12.67 21.61
N LEU A 203 -18.99 11.82 21.34
CA LEU A 203 -20.38 12.20 21.47
C LEU A 203 -21.07 11.13 22.31
N CYS A 204 -21.89 11.59 23.28
CA CYS A 204 -22.69 10.70 24.10
C CYS A 204 -23.78 10.06 23.26
N ASP A 205 -24.23 10.75 22.19
CA ASP A 205 -25.12 10.20 21.18
C ASP A 205 -24.35 9.93 19.88
N PRO A 206 -23.50 8.88 19.80
CA PRO A 206 -22.55 8.74 18.68
C PRO A 206 -23.20 8.39 17.34
N ASN A 207 -22.53 8.67 16.23
CA ASN A 207 -23.06 8.24 14.93
C ASN A 207 -22.07 7.36 14.18
N ILE A 208 -20.95 6.97 14.82
CA ILE A 208 -20.03 6.02 14.21
C ILE A 208 -19.56 5.06 15.27
N ILE A 209 -19.17 3.85 14.82
CA ILE A 209 -18.70 2.78 15.69
C ILE A 209 -17.37 2.26 15.14
N PRO A 210 -16.42 1.92 16.04
CA PRO A 210 -15.20 1.26 15.64
C PRO A 210 -15.41 -0.23 15.42
N VAL A 211 -14.79 -0.75 14.36
CA VAL A 211 -14.76 -2.18 14.11
C VAL A 211 -13.32 -2.60 13.86
N ARG A 212 -12.92 -3.73 14.47
CA ARG A 212 -11.61 -4.30 14.22
C ARG A 212 -11.60 -5.10 12.93
N VAL A 213 -10.60 -4.84 12.08
CA VAL A 213 -10.53 -5.39 10.76
C VAL A 213 -9.12 -5.90 10.48
N PHE A 214 -9.04 -7.02 9.76
CA PHE A 214 -7.78 -7.52 9.21
C PHE A 214 -7.83 -7.49 7.68
N MET A 215 -6.71 -7.08 7.10
CA MET A 215 -6.62 -6.94 5.66
C MET A 215 -5.36 -7.63 5.16
N LEU A 216 -4.23 -6.91 5.05
CA LEU A 216 -3.08 -7.46 4.34
C LEU A 216 -2.25 -8.34 5.27
N HIS A 217 -2.58 -8.34 6.56
CA HIS A 217 -1.97 -9.27 7.53
C HIS A 217 -3.07 -9.70 8.48
N GLN A 218 -2.80 -10.75 9.26
CA GLN A 218 -3.75 -11.27 10.23
C GLN A 218 -3.03 -11.48 11.56
N ASP A 219 -2.13 -10.55 11.89
CA ASP A 219 -1.49 -10.50 13.20
C ASP A 219 -2.48 -9.97 14.22
N LEU A 220 -2.99 -10.83 15.11
CA LEU A 220 -4.16 -10.49 15.92
C LEU A 220 -3.81 -9.42 16.95
N ARG A 221 -2.51 -9.16 17.16
CA ARG A 221 -2.09 -8.08 18.03
C ARG A 221 -2.46 -6.74 17.40
N PHE A 222 -2.63 -6.69 16.06
CA PHE A 222 -2.76 -5.41 15.41
C PHE A 222 -4.00 -5.35 14.54
N PRO A 223 -5.23 -5.41 15.10
CA PRO A 223 -6.42 -5.17 14.28
C PRO A 223 -6.29 -3.72 13.84
N ARG A 224 -6.84 -3.39 12.68
CA ARG A 224 -6.99 -2.02 12.26
C ARG A 224 -8.40 -1.57 12.60
N ILE A 225 -8.53 -0.28 12.93
CA ILE A 225 -9.75 0.23 13.52
C ILE A 225 -10.51 1.01 12.45
N ALA A 226 -11.65 0.46 12.05
CA ALA A 226 -12.45 1.05 10.99
C ALA A 226 -13.70 1.67 11.59
N PHE A 227 -13.99 2.94 11.23
CA PHE A 227 -15.21 3.59 11.66
C PHE A 227 -16.26 3.44 10.57
N PHE A 228 -17.43 2.96 11.00
CA PHE A 228 -18.62 2.90 10.14
C PHE A 228 -19.76 3.69 10.78
N SER A 229 -20.60 4.29 9.93
CA SER A 229 -21.74 5.05 10.41
C SER A 229 -22.70 4.07 11.06
N SER A 230 -23.26 4.46 12.22
CA SER A 230 -24.18 3.61 12.97
C SER A 230 -25.62 4.02 12.68
N ARG A 231 -25.81 5.10 11.93
CA ARG A 231 -27.12 5.50 11.47
C ARG A 231 -26.89 6.41 10.27
N ASP A 232 -27.99 6.86 9.67
CA ASP A 232 -27.92 7.79 8.56
C ASP A 232 -27.38 9.11 9.10
N ILE A 233 -26.43 9.71 8.39
CA ILE A 233 -25.83 10.95 8.83
C ILE A 233 -26.16 12.03 7.81
N ARG A 234 -26.51 13.23 8.29
CA ARG A 234 -26.94 14.32 7.43
C ARG A 234 -25.73 15.15 7.07
N THR A 235 -25.81 15.88 5.95
CA THR A 235 -24.76 16.82 5.59
C THR A 235 -24.56 17.81 6.72
N GLY A 236 -23.29 18.16 6.97
CA GLY A 236 -22.96 19.09 8.03
C GLY A 236 -22.90 18.43 9.41
N GLU A 237 -23.37 17.19 9.57
CA GLU A 237 -23.40 16.61 10.91
C GLU A 237 -21.98 16.26 11.39
N GLU A 238 -21.71 16.54 12.66
CA GLU A 238 -20.42 16.20 13.25
C GLU A 238 -20.38 14.70 13.53
N LEU A 239 -19.25 14.10 13.14
CA LEU A 239 -18.95 12.72 13.44
C LEU A 239 -18.46 12.58 14.89
N GLY A 240 -18.87 11.49 15.54
CA GLY A 240 -18.34 11.19 16.86
C GLY A 240 -18.63 9.78 17.31
N PHE A 241 -17.73 9.26 18.17
CA PHE A 241 -17.88 7.93 18.73
C PHE A 241 -17.78 8.02 20.24
N ASP A 242 -18.11 6.93 20.91
CA ASP A 242 -18.05 6.84 22.35
C ASP A 242 -16.61 6.52 22.73
N TYR A 243 -15.96 7.49 23.39
CA TYR A 243 -14.61 7.32 23.87
C TYR A 243 -14.56 6.31 25.03
N GLY A 244 -15.69 6.06 25.72
CA GLY A 244 -15.72 5.05 26.76
C GLY A 244 -15.21 5.55 28.12
N ASP A 245 -15.35 4.71 29.16
CA ASP A 245 -15.08 5.16 30.51
C ASP A 245 -13.58 5.20 30.78
N ARG A 246 -12.78 4.43 30.04
CA ARG A 246 -11.36 4.47 30.29
C ARG A 246 -10.89 5.91 30.15
N PHE A 247 -11.41 6.58 29.12
CA PHE A 247 -11.11 7.97 28.85
C PHE A 247 -11.69 8.90 29.92
N TRP A 248 -13.01 8.83 30.12
CA TRP A 248 -13.69 9.81 30.93
C TRP A 248 -13.33 9.65 32.41
N ASP A 249 -13.08 8.42 32.88
CA ASP A 249 -12.63 8.23 34.25
C ASP A 249 -11.37 9.06 34.50
N ILE A 250 -10.49 9.15 33.52
CA ILE A 250 -9.25 9.90 33.68
C ILE A 250 -9.50 11.39 33.45
N LYS A 251 -10.29 11.74 32.43
CA LYS A 251 -10.28 13.10 31.92
C LYS A 251 -11.30 14.01 32.64
N SER A 252 -12.33 13.42 33.29
CA SER A 252 -13.44 14.19 33.85
C SER A 252 -12.94 15.31 34.78
N LYS A 253 -11.86 15.06 35.53
CA LYS A 253 -11.34 16.05 36.47
C LYS A 253 -10.65 17.22 35.75
N TYR A 254 -10.27 17.05 34.48
CA TYR A 254 -9.63 18.13 33.73
C TYR A 254 -10.70 18.95 33.00
N PHE A 255 -11.71 18.26 32.47
CA PHE A 255 -12.76 18.90 31.67
C PHE A 255 -13.92 17.93 31.54
N THR A 256 -15.05 18.46 31.07
CA THR A 256 -16.29 17.71 31.02
C THR A 256 -16.82 17.73 29.60
N CYS A 257 -17.78 16.85 29.34
CA CYS A 257 -18.27 16.66 28.00
C CYS A 257 -19.09 17.87 27.60
N GLN A 258 -18.88 18.33 26.36
CA GLN A 258 -19.64 19.45 25.82
C GLN A 258 -20.49 18.99 24.65
N CYS A 259 -20.75 17.68 24.54
CA CYS A 259 -21.49 17.17 23.39
C CYS A 259 -22.88 17.77 23.36
N GLY A 260 -23.42 18.14 24.53
CA GLY A 260 -24.65 18.91 24.62
C GLY A 260 -25.90 18.07 24.39
N SER A 261 -25.78 16.74 24.43
CA SER A 261 -26.92 15.88 24.21
C SER A 261 -27.79 15.86 25.45
N GLU A 262 -29.10 15.66 25.27
CA GLU A 262 -29.99 15.40 26.40
C GLU A 262 -29.51 14.16 27.14
N LYS A 263 -28.84 13.26 26.42
CA LYS A 263 -28.40 11.99 26.98
C LYS A 263 -26.99 12.11 27.56
N CYS A 264 -26.41 13.32 27.61
CA CYS A 264 -24.98 13.42 27.92
C CYS A 264 -24.74 12.80 29.28
N LYS A 265 -23.74 11.91 29.36
CA LYS A 265 -23.43 11.16 30.56
C LYS A 265 -22.13 11.65 31.19
N HIS A 266 -21.48 12.66 30.61
CA HIS A 266 -20.16 13.04 31.07
C HIS A 266 -20.05 14.55 31.23
N SER A 267 -21.18 15.26 31.22
CA SER A 267 -21.20 16.68 31.53
C SER A 267 -20.91 16.91 33.01
N ALA A 268 -20.50 18.15 33.33
CA ALA A 268 -20.41 18.64 34.71
C ALA A 268 -21.67 18.30 35.51
N GLU A 269 -22.82 18.55 34.89
CA GLU A 269 -24.12 18.33 35.52
C GLU A 269 -24.27 16.86 35.85
N ALA A 270 -24.03 15.99 34.86
CA ALA A 270 -24.18 14.55 35.04
C ALA A 270 -23.19 14.02 36.09
N ILE A 271 -21.96 14.53 36.10
CA ILE A 271 -20.98 14.10 37.07
C ILE A 271 -21.40 14.50 38.48
N ALA A 272 -21.89 15.75 38.63
CA ALA A 272 -22.32 16.22 39.94
C ALA A 272 -23.51 15.41 40.44
N LEU A 273 -24.46 15.07 39.56
CA LEU A 273 -25.65 14.32 39.96
C LEU A 273 -25.26 12.94 40.49
N GLU A 274 -24.18 12.36 39.96
CA GLU A 274 -23.69 11.07 40.41
C GLU A 274 -22.87 11.21 41.68
N GLN A 275 -22.12 12.31 41.81
CA GLN A 275 -21.43 12.61 43.05
C GLN A 275 -22.45 12.69 44.19
N SER A 276 -23.58 13.32 43.89
CA SER A 276 -24.65 13.56 44.83
C SER A 276 -25.51 12.30 45.01
N ARG A 277 -25.42 11.36 44.05
CA ARG A 277 -26.00 10.04 44.16
C ARG A 277 -27.46 10.11 43.70
N ILE B 5 -3.86 -20.09 -40.22
CA ILE B 5 -4.72 -21.17 -39.65
C ILE B 5 -4.97 -20.92 -38.15
N ARG B 6 -3.94 -20.59 -37.37
CA ARG B 6 -4.06 -20.47 -35.92
C ARG B 6 -4.38 -19.02 -35.52
N THR B 7 -5.51 -18.82 -34.83
CA THR B 7 -5.93 -17.48 -34.42
C THR B 7 -5.28 -17.07 -33.08
N GLU B 8 -5.21 -15.75 -32.84
CA GLU B 8 -4.87 -15.21 -31.54
C GLU B 8 -6.11 -15.20 -30.64
N LYS B 9 -5.97 -15.80 -29.45
CA LYS B 9 -7.06 -15.85 -28.48
C LYS B 9 -6.70 -15.01 -27.26
N ILE B 10 -7.70 -14.34 -26.68
CA ILE B 10 -7.54 -13.71 -25.38
C ILE B 10 -7.85 -14.74 -24.32
N ILE B 11 -6.87 -15.09 -23.50
CA ILE B 11 -7.07 -16.16 -22.54
C ILE B 11 -7.14 -15.63 -21.11
N CYS B 12 -6.87 -14.35 -20.90
CA CYS B 12 -7.09 -13.75 -19.60
C CYS B 12 -7.22 -12.24 -19.76
N ARG B 13 -8.28 -11.65 -19.22
CA ARG B 13 -8.45 -10.21 -19.37
C ARG B 13 -7.48 -9.45 -18.46
N ASP B 14 -7.03 -10.06 -17.35
CA ASP B 14 -6.09 -9.41 -16.46
C ASP B 14 -5.44 -10.43 -15.54
N VAL B 15 -4.17 -10.73 -15.79
CA VAL B 15 -3.44 -11.69 -14.97
C VAL B 15 -3.20 -11.13 -13.58
N ALA B 16 -3.31 -9.79 -13.40
CA ALA B 16 -3.05 -9.17 -12.11
C ALA B 16 -4.31 -9.11 -11.25
N ARG B 17 -5.44 -9.61 -11.75
CA ARG B 17 -6.69 -9.68 -10.98
C ARG B 17 -7.04 -8.31 -10.40
N GLY B 18 -6.83 -7.25 -11.17
CA GLY B 18 -7.20 -5.90 -10.77
C GLY B 18 -6.25 -5.27 -9.75
N TYR B 19 -5.09 -5.90 -9.47
CA TYR B 19 -4.20 -5.33 -8.47
C TYR B 19 -3.34 -4.20 -9.04
N GLU B 20 -3.25 -4.05 -10.36
CA GLU B 20 -2.41 -2.98 -10.90
C GLU B 20 -3.31 -1.82 -11.31
N ASN B 21 -2.71 -0.68 -11.65
CA ASN B 21 -3.47 0.48 -12.08
C ASN B 21 -4.21 0.18 -13.39
N VAL B 22 -3.68 -0.74 -14.18
CA VAL B 22 -4.26 -1.06 -15.48
C VAL B 22 -4.35 -2.57 -15.56
N PRO B 23 -5.27 -3.13 -16.35
CA PRO B 23 -5.32 -4.57 -16.58
C PRO B 23 -4.12 -5.01 -17.43
N ILE B 24 -3.65 -6.25 -17.22
CA ILE B 24 -2.62 -6.83 -18.06
C ILE B 24 -3.15 -8.12 -18.68
N PRO B 25 -3.67 -8.06 -19.91
CA PRO B 25 -4.26 -9.25 -20.54
C PRO B 25 -3.18 -10.21 -21.03
N CYS B 26 -3.62 -11.45 -21.25
CA CYS B 26 -2.81 -12.50 -21.84
C CYS B 26 -3.45 -13.01 -23.13
N VAL B 27 -2.64 -13.11 -24.19
CA VAL B 27 -3.06 -13.67 -25.47
C VAL B 27 -2.09 -14.76 -25.90
N ASN B 28 -2.57 -15.60 -26.83
CA ASN B 28 -1.78 -16.66 -27.40
C ASN B 28 -2.23 -16.91 -28.83
N GLY B 29 -1.36 -16.59 -29.79
CA GLY B 29 -1.64 -16.87 -31.18
C GLY B 29 -0.65 -17.85 -31.79
N VAL B 30 0.13 -18.55 -30.94
CA VAL B 30 1.23 -19.39 -31.39
C VAL B 30 0.92 -20.86 -31.15
N ASP B 31 0.39 -21.22 -29.98
CA ASP B 31 0.21 -22.63 -29.66
C ASP B 31 -1.01 -22.80 -28.74
N GLY B 32 -1.13 -24.00 -28.19
CA GLY B 32 -2.27 -24.35 -27.35
C GLY B 32 -2.02 -24.16 -25.85
N GLU B 33 -0.89 -23.54 -25.46
CA GLU B 33 -0.58 -23.34 -24.04
C GLU B 33 -1.65 -22.48 -23.40
N PRO B 34 -2.28 -22.91 -22.28
CA PRO B 34 -3.28 -22.10 -21.60
C PRO B 34 -2.59 -21.02 -20.77
N CYS B 35 -3.41 -20.11 -20.24
CA CYS B 35 -2.93 -19.05 -19.37
C CYS B 35 -2.08 -19.63 -18.25
N PRO B 36 -0.85 -19.12 -18.00
CA PRO B 36 0.01 -19.67 -16.96
C PRO B 36 -0.60 -19.45 -15.58
N GLU B 37 -0.67 -20.52 -14.78
CA GLU B 37 -1.26 -20.40 -13.45
C GLU B 37 -0.45 -21.16 -12.42
N ASP B 38 0.78 -21.55 -12.76
CA ASP B 38 1.62 -22.30 -11.83
C ASP B 38 2.46 -21.36 -10.99
N TYR B 39 1.79 -20.33 -10.43
CA TYR B 39 2.42 -19.28 -9.64
C TYR B 39 1.29 -18.41 -9.08
N LYS B 40 1.62 -17.60 -8.07
CA LYS B 40 0.66 -16.67 -7.50
C LYS B 40 1.02 -15.24 -7.92
N TYR B 41 0.10 -14.55 -8.62
CA TYR B 41 0.35 -13.17 -8.99
C TYR B 41 0.22 -12.29 -7.74
N ILE B 42 1.27 -11.50 -7.43
CA ILE B 42 1.26 -10.51 -6.38
C ILE B 42 1.80 -9.21 -6.95
N SER B 43 1.19 -8.09 -6.55
CA SER B 43 1.58 -6.77 -7.05
C SER B 43 2.70 -6.16 -6.23
N GLU B 44 2.95 -6.65 -5.01
CA GLU B 44 4.07 -6.16 -4.23
C GLU B 44 4.80 -7.32 -3.59
N ASN B 45 6.08 -7.09 -3.28
CA ASN B 45 6.96 -8.13 -2.74
C ASN B 45 6.33 -8.79 -1.52
N CYS B 46 6.56 -10.09 -1.35
CA CYS B 46 6.01 -10.78 -0.19
C CYS B 46 7.16 -11.41 0.60
N GLU B 47 6.86 -11.78 1.84
CA GLU B 47 7.75 -12.48 2.75
C GLU B 47 7.13 -13.84 3.02
N THR B 48 7.95 -14.87 3.08
CA THR B 48 7.56 -16.19 3.51
C THR B 48 8.40 -16.64 4.70
N SER B 49 9.18 -15.73 5.28
CA SER B 49 9.86 -15.93 6.55
C SER B 49 10.16 -14.55 7.11
N THR B 50 10.68 -14.49 8.34
CA THR B 50 10.84 -13.23 9.03
C THR B 50 12.08 -12.54 8.47
N MET B 51 11.89 -11.38 7.83
CA MET B 51 12.98 -10.66 7.19
C MET B 51 13.44 -9.47 8.04
N ASN B 52 12.58 -9.02 8.97
CA ASN B 52 12.91 -7.94 9.91
C ASN B 52 13.35 -6.67 9.15
N ILE B 53 12.54 -6.25 8.18
CA ILE B 53 12.81 -5.06 7.39
C ILE B 53 12.61 -3.89 8.34
N ASP B 54 13.54 -2.94 8.33
CA ASP B 54 13.40 -1.75 9.18
C ASP B 54 12.26 -0.88 8.63
N ARG B 55 11.16 -0.82 9.36
CA ARG B 55 10.04 0.01 8.97
C ARG B 55 9.84 1.19 9.92
N ASN B 56 10.77 1.38 10.89
CA ASN B 56 10.70 2.50 11.82
C ASN B 56 10.68 3.82 11.03
N ILE B 57 9.58 4.58 11.19
CA ILE B 57 9.33 5.79 10.41
C ILE B 57 10.37 6.86 10.75
N THR B 58 10.92 6.82 11.99
CA THR B 58 11.90 7.79 12.44
C THR B 58 13.23 7.51 11.75
N HIS B 59 13.36 6.37 11.06
CA HIS B 59 14.63 6.07 10.40
C HIS B 59 14.61 6.56 8.96
N LEU B 60 13.49 7.11 8.49
CA LEU B 60 13.44 7.57 7.12
C LEU B 60 14.17 8.89 6.97
N GLN B 61 15.07 8.96 6.01
CA GLN B 61 15.52 10.26 5.54
C GLN B 61 14.38 10.85 4.72
N HIS B 62 14.14 12.15 4.88
CA HIS B 62 12.95 12.76 4.33
C HIS B 62 13.25 14.22 4.06
N CYS B 63 12.47 14.83 3.16
CA CYS B 63 12.72 16.21 2.79
C CYS B 63 11.79 17.12 3.60
N THR B 64 12.16 18.41 3.61
CA THR B 64 11.38 19.47 4.22
C THR B 64 10.73 20.37 3.17
N CYS B 65 10.60 19.87 1.93
CA CYS B 65 10.05 20.62 0.82
C CYS B 65 8.58 20.97 1.05
N VAL B 66 8.22 22.19 0.67
CA VAL B 66 6.85 22.67 0.66
C VAL B 66 6.36 22.90 -0.77
N ASP B 67 7.18 22.57 -1.77
CA ASP B 67 6.82 22.68 -3.17
C ASP B 67 6.62 21.26 -3.71
N ASP B 68 6.85 21.07 -5.02
CA ASP B 68 6.61 19.79 -5.67
C ASP B 68 7.89 18.94 -5.73
N CYS B 69 8.91 19.30 -4.94
CA CYS B 69 10.17 18.57 -4.85
C CYS B 69 10.96 18.64 -6.16
N SER B 70 10.80 19.73 -6.91
CA SER B 70 11.57 19.92 -8.13
C SER B 70 12.77 20.83 -7.88
N SER B 71 12.97 21.27 -6.63
CA SER B 71 14.08 22.16 -6.34
C SER B 71 15.28 21.33 -5.93
N SER B 72 16.44 21.98 -6.03
CA SER B 72 17.73 21.43 -5.68
C SER B 72 17.85 21.19 -4.17
N ASN B 73 16.90 21.71 -3.39
CA ASN B 73 16.97 21.63 -1.95
C ASN B 73 16.32 20.36 -1.40
N CYS B 74 15.71 19.56 -2.27
CA CYS B 74 15.04 18.35 -1.81
C CYS B 74 16.07 17.32 -1.34
N LEU B 75 16.09 17.03 -0.04
CA LEU B 75 17.03 16.08 0.54
C LEU B 75 16.93 14.74 -0.19
N CYS B 76 15.70 14.34 -0.57
CA CYS B 76 15.50 13.03 -1.14
C CYS B 76 16.20 12.94 -2.51
N GLY B 77 16.07 13.99 -3.32
CA GLY B 77 16.79 14.10 -4.57
C GLY B 77 18.30 14.05 -4.38
N GLN B 78 18.79 14.76 -3.35
CA GLN B 78 20.22 14.82 -3.08
C GLN B 78 20.76 13.45 -2.70
N LEU B 79 19.96 12.61 -2.03
CA LEU B 79 20.43 11.28 -1.70
C LEU B 79 20.64 10.49 -2.99
N SER B 80 19.93 10.91 -4.04
CA SER B 80 19.90 10.25 -5.34
C SER B 80 20.91 10.94 -6.26
N ILE B 81 21.79 11.77 -5.67
CA ILE B 81 22.61 12.83 -6.27
C ILE B 81 21.75 14.02 -6.70
N ARG B 82 20.78 13.79 -7.57
CA ARG B 82 19.68 14.71 -7.80
C ARG B 82 18.44 13.88 -8.08
N CYS B 83 17.26 14.49 -8.07
CA CYS B 83 16.10 13.80 -8.60
C CYS B 83 16.33 13.62 -10.11
N TRP B 84 16.09 12.38 -10.60
CA TRP B 84 16.35 12.02 -11.99
C TRP B 84 15.10 12.01 -12.84
N TYR B 85 13.95 12.37 -12.27
CA TYR B 85 12.69 12.37 -12.99
C TYR B 85 12.43 13.78 -13.54
N ASP B 86 12.04 13.86 -14.82
CA ASP B 86 11.62 15.10 -15.46
C ASP B 86 10.19 15.36 -15.04
N LYS B 87 9.57 16.42 -15.58
CA LYS B 87 8.26 16.87 -15.12
C LYS B 87 7.22 15.78 -15.40
N ASP B 88 7.51 14.87 -16.34
CA ASP B 88 6.55 13.85 -16.76
C ASP B 88 6.85 12.47 -16.16
N GLY B 89 7.76 12.40 -15.20
CA GLY B 89 8.02 11.15 -14.49
C GLY B 89 9.04 10.25 -15.18
N ARG B 90 9.80 10.81 -16.14
CA ARG B 90 10.72 10.06 -16.97
C ARG B 90 12.16 10.40 -16.59
N LEU B 91 13.03 9.38 -16.63
CA LEU B 91 14.44 9.57 -16.33
C LEU B 91 15.01 10.62 -17.30
N LEU B 92 15.87 11.51 -16.77
CA LEU B 92 16.61 12.45 -17.59
C LEU B 92 17.49 11.68 -18.59
N GLN B 93 17.68 12.28 -19.76
CA GLN B 93 18.56 11.74 -20.79
C GLN B 93 19.97 11.44 -20.25
N GLU B 94 20.47 12.24 -19.32
CA GLU B 94 21.82 12.10 -18.78
C GLU B 94 21.91 10.97 -17.76
N PHE B 95 20.81 10.29 -17.48
CA PHE B 95 20.80 9.24 -16.47
C PHE B 95 21.84 8.19 -16.86
N ASN B 96 22.64 7.79 -15.85
CA ASN B 96 23.62 6.75 -16.05
C ASN B 96 22.89 5.40 -16.15
N LYS B 97 22.61 4.99 -17.40
CA LYS B 97 21.93 3.73 -17.69
C LYS B 97 22.89 2.54 -17.53
N ILE B 98 24.20 2.80 -17.43
CA ILE B 98 25.20 1.74 -17.26
C ILE B 98 25.29 1.35 -15.79
N GLU B 99 25.53 2.35 -14.92
CA GLU B 99 25.69 2.14 -13.49
C GLU B 99 24.67 3.04 -12.80
N PRO B 100 23.37 2.66 -12.78
CA PRO B 100 22.35 3.53 -12.20
C PRO B 100 22.59 3.83 -10.72
N PRO B 101 22.36 5.08 -10.27
CA PRO B 101 22.44 5.40 -8.84
C PRO B 101 21.21 4.83 -8.13
N LEU B 102 21.31 4.70 -6.80
CA LEU B 102 20.18 4.38 -5.95
C LEU B 102 19.18 5.53 -5.96
N ILE B 103 17.88 5.25 -6.17
CA ILE B 103 16.89 6.31 -6.14
C ILE B 103 16.13 6.27 -4.81
N PHE B 104 16.08 7.43 -4.15
CA PHE B 104 15.27 7.64 -2.96
C PHE B 104 14.09 8.52 -3.32
N GLU B 105 12.92 7.89 -3.48
CA GLU B 105 11.68 8.61 -3.67
C GLU B 105 11.25 9.17 -2.31
N CYS B 106 10.39 10.19 -2.40
CA CYS B 106 9.77 10.77 -1.22
C CYS B 106 8.86 9.72 -0.56
N ASN B 107 8.53 9.98 0.69
CA ASN B 107 7.92 8.99 1.54
C ASN B 107 7.00 9.71 2.53
N GLN B 108 6.44 8.91 3.45
CA GLN B 108 5.42 9.36 4.36
C GLN B 108 5.99 10.30 5.43
N ALA B 109 7.32 10.36 5.59
CA ALA B 109 7.93 11.26 6.56
C ALA B 109 8.18 12.64 5.93
N CYS B 110 8.23 12.70 4.58
CA CYS B 110 8.48 13.96 3.87
C CYS B 110 7.33 14.95 4.11
N SER B 111 7.65 16.23 4.12
CA SER B 111 6.67 17.27 4.32
C SER B 111 5.86 17.51 3.03
N CYS B 112 6.31 16.97 1.90
CA CYS B 112 5.68 17.27 0.61
C CYS B 112 4.38 16.50 0.44
N TRP B 113 3.65 16.77 -0.62
CA TRP B 113 2.43 16.06 -0.96
C TRP B 113 2.69 14.76 -1.76
N ARG B 114 1.68 13.89 -1.74
CA ARG B 114 1.72 12.58 -2.35
C ARG B 114 1.92 12.68 -3.86
N ASN B 115 1.64 13.86 -4.43
CA ASN B 115 1.77 14.04 -5.87
C ASN B 115 3.03 14.85 -6.22
N CYS B 116 4.06 14.87 -5.35
CA CYS B 116 5.28 15.58 -5.69
C CYS B 116 5.96 14.84 -6.84
N LYS B 117 7.02 15.46 -7.37
CA LYS B 117 7.66 14.98 -8.60
C LYS B 117 8.51 13.75 -8.34
N ASN B 118 8.73 13.40 -7.07
CA ASN B 118 9.66 12.35 -6.74
C ASN B 118 8.92 11.10 -6.22
N ARG B 119 7.93 10.62 -6.99
CA ARG B 119 7.06 9.53 -6.59
C ARG B 119 6.67 8.61 -7.76
N VAL B 120 7.57 8.40 -8.72
CA VAL B 120 7.22 7.70 -9.94
C VAL B 120 6.93 6.22 -9.69
N VAL B 121 7.87 5.52 -9.05
CA VAL B 121 7.78 4.07 -8.93
C VAL B 121 6.67 3.70 -7.95
N GLN B 122 6.52 4.47 -6.88
CA GLN B 122 5.50 4.16 -5.88
C GLN B 122 4.09 4.37 -6.45
N SER B 123 3.97 5.03 -7.61
CA SER B 123 2.65 5.27 -8.20
C SER B 123 2.20 4.14 -9.12
N GLY B 124 3.11 3.21 -9.46
CA GLY B 124 2.72 1.99 -10.15
C GLY B 124 2.72 2.07 -11.67
N ILE B 125 2.17 1.02 -12.30
CA ILE B 125 2.22 0.83 -13.73
C ILE B 125 1.28 1.83 -14.41
N LYS B 126 1.79 2.50 -15.45
CA LYS B 126 0.99 3.39 -16.26
C LYS B 126 0.95 2.95 -17.71
N VAL B 127 1.96 2.21 -18.19
CA VAL B 127 1.95 1.83 -19.59
C VAL B 127 1.12 0.56 -19.78
N ARG B 128 0.58 0.40 -21.00
CA ARG B 128 -0.25 -0.74 -21.33
C ARG B 128 0.64 -1.87 -21.81
N LEU B 129 0.58 -3.01 -21.11
CA LEU B 129 1.41 -4.16 -21.40
C LEU B 129 0.51 -5.35 -21.68
N GLN B 130 1.10 -6.35 -22.33
CA GLN B 130 0.39 -7.59 -22.63
C GLN B 130 1.34 -8.77 -22.42
N LEU B 131 0.80 -9.81 -21.79
CA LEU B 131 1.49 -11.08 -21.69
C LEU B 131 1.08 -11.89 -22.93
N TYR B 132 2.05 -12.40 -23.68
CA TYR B 132 1.74 -13.03 -24.96
C TYR B 132 2.68 -14.20 -25.16
N ARG B 133 2.23 -15.14 -25.99
CA ARG B 133 3.01 -16.31 -26.33
C ARG B 133 4.01 -15.95 -27.43
N THR B 134 5.30 -16.10 -27.12
CA THR B 134 6.33 -15.81 -28.10
C THR B 134 6.49 -17.02 -29.02
N ALA B 135 7.26 -16.83 -30.10
CA ALA B 135 7.53 -17.90 -31.04
C ALA B 135 8.47 -18.96 -30.46
N LYS B 136 9.44 -18.55 -29.65
CA LYS B 136 10.53 -19.45 -29.28
C LYS B 136 10.96 -19.32 -27.82
N MET B 137 10.36 -18.41 -27.05
CA MET B 137 10.86 -18.11 -25.70
C MET B 137 9.78 -18.27 -24.64
N GLY B 138 8.71 -19.05 -24.94
CA GLY B 138 7.56 -19.21 -24.04
C GLY B 138 6.72 -17.93 -23.99
N TRP B 139 6.28 -17.59 -22.77
CA TRP B 139 5.58 -16.35 -22.52
C TRP B 139 6.58 -15.20 -22.48
N GLY B 140 6.10 -14.04 -22.93
CA GLY B 140 6.84 -12.79 -22.88
C GLY B 140 5.91 -11.60 -22.65
N VAL B 141 6.47 -10.40 -22.51
CA VAL B 141 5.69 -9.22 -22.23
C VAL B 141 6.01 -8.21 -23.32
N ARG B 142 4.96 -7.63 -23.92
CA ARG B 142 5.18 -6.60 -24.93
C ARG B 142 4.34 -5.37 -24.64
N ALA B 143 4.77 -4.25 -25.24
CA ALA B 143 4.08 -2.98 -25.12
C ALA B 143 2.94 -2.91 -26.12
N LEU B 144 1.81 -2.34 -25.68
CA LEU B 144 0.64 -2.11 -26.51
C LEU B 144 0.56 -0.64 -26.95
N GLN B 145 1.62 0.14 -26.72
CA GLN B 145 1.65 1.56 -27.04
C GLN B 145 3.12 1.93 -27.22
N THR B 146 3.42 3.12 -27.75
CA THR B 146 4.80 3.55 -27.79
C THR B 146 5.17 3.95 -26.38
N ILE B 147 6.43 3.76 -26.01
CA ILE B 147 6.90 4.13 -24.68
C ILE B 147 8.20 4.89 -24.83
N PRO B 148 8.24 6.20 -24.49
CA PRO B 148 9.47 6.95 -24.59
C PRO B 148 10.55 6.42 -23.67
N GLN B 149 11.80 6.69 -24.03
CA GLN B 149 12.96 6.45 -23.17
C GLN B 149 12.72 7.02 -21.78
N GLY B 150 13.18 6.30 -20.75
CA GLY B 150 13.19 6.83 -19.40
C GLY B 150 11.89 6.63 -18.64
N THR B 151 10.94 5.87 -19.22
CA THR B 151 9.63 5.68 -18.63
C THR B 151 9.64 4.47 -17.69
N PHE B 152 9.00 4.60 -16.52
CA PHE B 152 8.82 3.50 -15.62
C PHE B 152 7.82 2.50 -16.22
N ILE B 153 8.22 1.23 -16.22
CA ILE B 153 7.47 0.16 -16.87
C ILE B 153 6.76 -0.67 -15.80
N CYS B 154 7.57 -1.32 -14.95
CA CYS B 154 7.02 -2.16 -13.90
C CYS B 154 8.15 -2.52 -12.95
N GLU B 155 7.79 -3.14 -11.84
CA GLU B 155 8.73 -3.48 -10.79
C GLU B 155 8.95 -4.98 -10.84
N TYR B 156 10.18 -5.45 -10.52
CA TYR B 156 10.46 -6.88 -10.44
C TYR B 156 9.99 -7.31 -9.07
N VAL B 157 8.84 -7.98 -9.03
CA VAL B 157 8.19 -8.33 -7.78
C VAL B 157 8.19 -9.83 -7.56
N GLY B 158 8.41 -10.20 -6.30
CA GLY B 158 8.32 -11.60 -5.91
C GLY B 158 8.55 -11.81 -4.41
N GLU B 159 9.12 -12.96 -4.10
CA GLU B 159 9.30 -13.47 -2.77
C GLU B 159 10.72 -13.11 -2.33
N LEU B 160 10.87 -12.40 -1.22
CA LEU B 160 12.18 -12.11 -0.67
C LEU B 160 12.78 -13.37 -0.05
N ILE B 161 14.02 -13.68 -0.43
CA ILE B 161 14.69 -14.83 0.17
C ILE B 161 16.14 -14.45 0.46
N SER B 162 16.75 -15.21 1.38
CA SER B 162 18.16 -15.09 1.69
C SER B 162 18.99 -15.75 0.61
N ASP B 163 20.27 -15.36 0.57
CA ASP B 163 21.31 -16.07 -0.15
C ASP B 163 21.18 -17.58 0.09
N ALA B 164 21.14 -17.98 1.36
CA ALA B 164 21.12 -19.40 1.73
C ALA B 164 19.90 -20.09 1.14
N GLU B 165 18.75 -19.43 1.15
CA GLU B 165 17.55 -20.04 0.60
C GLU B 165 17.65 -20.11 -0.94
N ALA B 166 18.22 -19.08 -1.58
CA ALA B 166 18.40 -19.12 -3.02
C ALA B 166 19.26 -20.33 -3.41
N ASP B 167 20.29 -20.62 -2.59
CA ASP B 167 21.19 -21.74 -2.83
C ASP B 167 20.42 -23.07 -2.81
N VAL B 168 19.25 -23.13 -2.17
CA VAL B 168 18.48 -24.35 -2.03
C VAL B 168 17.35 -24.47 -3.05
N ARG B 169 17.04 -23.41 -3.79
CA ARG B 169 15.85 -23.43 -4.62
C ARG B 169 16.13 -24.31 -5.84
N GLU B 170 15.25 -25.28 -6.11
CA GLU B 170 15.30 -26.14 -7.30
C GLU B 170 15.33 -25.33 -8.59
N ASP B 171 14.39 -24.39 -8.72
CA ASP B 171 14.28 -23.58 -9.93
C ASP B 171 14.93 -22.24 -9.66
N ASP B 172 15.98 -21.93 -10.43
CA ASP B 172 16.73 -20.71 -10.28
C ASP B 172 16.44 -19.79 -11.47
N SER B 173 15.32 -20.04 -12.16
CA SER B 173 15.00 -19.35 -13.40
C SER B 173 14.36 -17.97 -13.21
N TYR B 174 13.95 -17.64 -11.98
CA TYR B 174 13.17 -16.44 -11.69
C TYR B 174 13.81 -15.60 -10.59
N LEU B 175 15.13 -15.67 -10.45
CA LEU B 175 15.84 -15.00 -9.36
C LEU B 175 16.31 -13.65 -9.85
N PHE B 176 16.28 -12.64 -8.96
CA PHE B 176 16.87 -11.34 -9.21
C PHE B 176 17.62 -10.92 -7.95
N ASP B 177 18.91 -10.58 -8.14
CA ASP B 177 19.79 -10.27 -7.04
C ASP B 177 19.62 -8.80 -6.66
N LEU B 178 19.43 -8.54 -5.36
CA LEU B 178 19.41 -7.19 -4.79
C LEU B 178 20.83 -6.81 -4.37
N ASP B 179 21.53 -6.02 -5.18
CA ASP B 179 22.90 -5.68 -4.84
C ASP B 179 22.93 -4.67 -3.70
N ASN B 180 23.66 -5.09 -2.67
CA ASN B 180 24.47 -4.22 -1.85
C ASN B 180 25.91 -4.50 -2.28
N LYS B 181 26.79 -3.50 -2.17
CA LYS B 181 28.21 -3.75 -2.32
C LYS B 181 28.68 -4.63 -1.16
N ASP B 182 28.15 -4.40 0.04
CA ASP B 182 28.40 -5.27 1.17
C ASP B 182 27.15 -5.32 2.05
N GLY B 183 27.23 -6.09 3.13
CA GLY B 183 26.06 -6.39 3.96
C GLY B 183 25.41 -7.71 3.56
N GLU B 184 24.27 -8.02 4.20
CA GLU B 184 23.59 -9.28 4.01
C GLU B 184 23.07 -9.35 2.58
N VAL B 185 23.01 -10.56 2.02
CA VAL B 185 22.66 -10.71 0.61
C VAL B 185 21.30 -11.37 0.47
N TYR B 186 20.40 -10.71 -0.28
CA TYR B 186 19.05 -11.22 -0.50
C TYR B 186 18.74 -11.22 -2.00
N CYS B 187 17.73 -12.02 -2.37
CA CYS B 187 17.24 -12.16 -3.73
C CYS B 187 15.74 -12.00 -3.74
N ILE B 188 15.19 -11.62 -4.90
CA ILE B 188 13.76 -11.79 -5.15
C ILE B 188 13.63 -13.06 -5.96
N ASP B 189 12.79 -13.99 -5.51
CA ASP B 189 12.44 -15.17 -6.30
C ASP B 189 11.00 -15.04 -6.77
N ALA B 190 10.79 -14.97 -8.09
CA ALA B 190 9.47 -14.76 -8.66
C ALA B 190 8.87 -16.09 -9.16
N ARG B 191 9.49 -17.23 -8.80
CA ARG B 191 9.00 -18.53 -9.25
C ARG B 191 7.61 -18.84 -8.68
N TYR B 192 7.44 -18.68 -7.36
CA TYR B 192 6.19 -19.10 -6.71
C TYR B 192 5.26 -17.91 -6.58
N TYR B 193 5.86 -16.73 -6.37
CA TYR B 193 5.14 -15.49 -6.20
C TYR B 193 5.83 -14.44 -7.05
N GLY B 194 5.05 -13.76 -7.90
CA GLY B 194 5.61 -12.78 -8.82
C GLY B 194 4.53 -11.90 -9.46
N ASN B 195 4.96 -10.81 -10.08
CA ASN B 195 4.05 -10.00 -10.91
C ASN B 195 4.40 -10.23 -12.37
N ILE B 196 3.95 -9.31 -13.23
CA ILE B 196 4.17 -9.39 -14.66
C ILE B 196 5.65 -9.50 -15.03
N SER B 197 6.54 -8.92 -14.22
N SER B 197 6.55 -8.94 -14.20
CA SER B 197 7.97 -8.92 -14.53
CA SER B 197 7.97 -8.92 -14.54
C SER B 197 8.55 -10.33 -14.66
C SER B 197 8.53 -10.33 -14.68
N ARG B 198 7.94 -11.31 -14.00
CA ARG B 198 8.43 -12.68 -14.02
C ARG B 198 8.38 -13.27 -15.44
N PHE B 199 7.64 -12.63 -16.34
CA PHE B 199 7.47 -13.15 -17.69
C PHE B 199 8.35 -12.42 -18.69
N ILE B 200 9.17 -11.46 -18.23
CA ILE B 200 10.02 -10.69 -19.10
C ILE B 200 11.27 -11.48 -19.43
N ASN B 201 11.53 -11.62 -20.74
CA ASN B 201 12.61 -12.45 -21.26
C ASN B 201 13.91 -11.66 -21.33
N HIS B 202 15.00 -12.42 -21.52
CA HIS B 202 16.31 -11.84 -21.75
C HIS B 202 16.42 -11.40 -23.21
N LEU B 203 16.95 -10.21 -23.44
CA LEU B 203 17.33 -9.76 -24.77
C LEU B 203 18.77 -9.29 -24.71
N CYS B 204 19.56 -9.71 -25.71
CA CYS B 204 20.94 -9.29 -25.84
C CYS B 204 21.01 -7.82 -26.21
N ASP B 205 19.98 -7.33 -26.90
CA ASP B 205 19.77 -5.92 -27.17
C ASP B 205 18.63 -5.37 -26.30
N PRO B 206 18.83 -5.14 -24.98
CA PRO B 206 17.71 -4.89 -24.08
C PRO B 206 17.08 -3.52 -24.26
N ASN B 207 15.82 -3.38 -23.86
CA ASN B 207 15.18 -2.07 -23.95
C ASN B 207 14.73 -1.58 -22.57
N ILE B 208 15.04 -2.32 -21.50
CA ILE B 208 14.73 -1.87 -20.16
C ILE B 208 15.92 -2.17 -19.27
N ILE B 209 16.09 -1.32 -18.24
CA ILE B 209 17.17 -1.43 -17.28
C ILE B 209 16.56 -1.46 -15.89
N PRO B 210 17.13 -2.27 -14.98
CA PRO B 210 16.74 -2.27 -13.57
C PRO B 210 17.39 -1.12 -12.81
N VAL B 211 16.60 -0.49 -11.94
CA VAL B 211 17.09 0.54 -11.04
C VAL B 211 16.64 0.20 -9.64
N ARG B 212 17.56 0.33 -8.69
CA ARG B 212 17.24 0.10 -7.28
C ARG B 212 16.62 1.34 -6.67
N VAL B 213 15.49 1.18 -5.98
CA VAL B 213 14.69 2.31 -5.51
C VAL B 213 14.27 2.05 -4.07
N PHE B 214 14.25 3.13 -3.29
CA PHE B 214 13.64 3.14 -1.97
C PHE B 214 12.44 4.07 -1.93
N MET B 215 11.42 3.61 -1.20
CA MET B 215 10.14 4.27 -1.15
C MET B 215 9.65 4.33 0.29
N LEU B 216 8.82 3.37 0.73
CA LEU B 216 8.16 3.50 2.01
C LEU B 216 9.06 3.05 3.15
N HIS B 217 10.19 2.40 2.81
CA HIS B 217 11.24 2.14 3.81
C HIS B 217 12.58 2.46 3.16
N GLN B 218 13.64 2.51 3.99
CA GLN B 218 14.99 2.70 3.48
C GLN B 218 15.94 1.71 4.12
N ASP B 219 15.46 0.47 4.31
CA ASP B 219 16.31 -0.65 4.66
C ASP B 219 17.16 -1.06 3.45
N LEU B 220 18.46 -0.73 3.50
CA LEU B 220 19.35 -0.78 2.34
C LEU B 220 19.58 -2.21 1.87
N ARG B 221 19.24 -3.19 2.72
CA ARG B 221 19.28 -4.59 2.33
C ARG B 221 18.22 -4.90 1.28
N PHE B 222 17.16 -4.09 1.19
CA PHE B 222 16.02 -4.46 0.38
C PHE B 222 15.63 -3.36 -0.59
N PRO B 223 16.48 -3.01 -1.58
CA PRO B 223 16.05 -2.06 -2.60
C PRO B 223 14.94 -2.78 -3.36
N ARG B 224 14.05 -2.00 -3.94
CA ARG B 224 13.04 -2.52 -4.84
C ARG B 224 13.56 -2.29 -6.26
N ILE B 225 13.19 -3.19 -7.18
CA ILE B 225 13.79 -3.20 -8.50
C ILE B 225 12.79 -2.64 -9.50
N ALA B 226 13.10 -1.47 -10.02
CA ALA B 226 12.22 -0.80 -10.96
C ALA B 226 12.79 -0.91 -12.37
N PHE B 227 11.96 -1.30 -13.34
CA PHE B 227 12.41 -1.29 -14.72
C PHE B 227 11.97 -0.01 -15.40
N PHE B 228 12.94 0.64 -16.06
CA PHE B 228 12.67 1.79 -16.90
C PHE B 228 13.13 1.50 -18.34
N SER B 229 12.43 2.09 -19.31
CA SER B 229 12.83 1.93 -20.70
C SER B 229 14.19 2.61 -20.89
N SER B 230 15.10 1.94 -21.61
CA SER B 230 16.44 2.47 -21.83
C SER B 230 16.52 3.19 -23.19
N ARG B 231 15.44 3.06 -23.98
CA ARG B 231 15.34 3.76 -25.25
C ARG B 231 13.85 3.81 -25.58
N ASP B 232 13.51 4.48 -26.69
CA ASP B 232 12.13 4.54 -27.13
C ASP B 232 11.72 3.13 -27.52
N ILE B 233 10.53 2.71 -27.09
CA ILE B 233 10.04 1.37 -27.39
C ILE B 233 8.80 1.53 -28.27
N ARG B 234 8.73 0.68 -29.29
CA ARG B 234 7.71 0.76 -30.32
C ARG B 234 6.55 -0.11 -29.90
N THR B 235 5.36 0.22 -30.41
CA THR B 235 4.17 -0.60 -30.13
C THR B 235 4.44 -2.02 -30.59
N GLY B 236 3.96 -3.00 -29.82
CA GLY B 236 4.16 -4.40 -30.15
C GLY B 236 5.54 -4.93 -29.78
N GLU B 237 6.49 -4.08 -29.40
CA GLU B 237 7.85 -4.54 -29.12
C GLU B 237 7.90 -5.34 -27.83
N GLU B 238 8.65 -6.45 -27.85
CA GLU B 238 8.84 -7.27 -26.66
C GLU B 238 9.80 -6.56 -25.72
N LEU B 239 9.43 -6.52 -24.44
CA LEU B 239 10.29 -6.03 -23.37
C LEU B 239 11.34 -7.07 -23.00
N GLY B 240 12.55 -6.60 -22.71
CA GLY B 240 13.57 -7.50 -22.19
C GLY B 240 14.75 -6.76 -21.60
N PHE B 241 15.40 -7.43 -20.65
CA PHE B 241 16.57 -6.89 -19.97
C PHE B 241 17.68 -7.93 -20.06
N ASP B 242 18.90 -7.50 -19.72
CA ASP B 242 20.05 -8.38 -19.72
C ASP B 242 20.04 -9.19 -18.44
N TYR B 243 19.88 -10.51 -18.60
CA TYR B 243 19.89 -11.43 -17.47
C TYR B 243 21.30 -11.55 -16.90
N GLY B 244 22.34 -11.21 -17.67
CA GLY B 244 23.71 -11.23 -17.17
C GLY B 244 24.34 -12.64 -17.16
N ASP B 245 25.62 -12.70 -16.80
CA ASP B 245 26.37 -13.94 -16.92
C ASP B 245 26.02 -14.93 -15.83
N ARG B 246 25.54 -14.43 -14.69
CA ARG B 246 25.21 -15.34 -13.60
C ARG B 246 24.24 -16.39 -14.16
N PHE B 247 23.28 -15.88 -14.92
CA PHE B 247 22.26 -16.70 -15.54
C PHE B 247 22.82 -17.57 -16.66
N TRP B 248 23.45 -16.93 -17.65
CA TRP B 248 23.83 -17.63 -18.86
C TRP B 248 24.96 -18.64 -18.62
N ASP B 249 25.87 -18.35 -17.67
CA ASP B 249 26.92 -19.31 -17.33
C ASP B 249 26.28 -20.62 -16.91
N ILE B 250 25.16 -20.55 -16.18
CA ILE B 250 24.49 -21.75 -15.72
C ILE B 250 23.62 -22.36 -16.84
N LYS B 251 22.93 -21.52 -17.61
CA LYS B 251 21.81 -22.01 -18.42
C LYS B 251 22.26 -22.42 -19.82
N SER B 252 23.39 -21.91 -20.31
CA SER B 252 23.79 -22.07 -21.71
C SER B 252 23.80 -23.55 -22.13
N LYS B 253 24.20 -24.44 -21.23
CA LYS B 253 24.28 -25.86 -21.51
C LYS B 253 22.90 -26.51 -21.61
N TYR B 254 21.85 -25.87 -21.07
CA TYR B 254 20.50 -26.43 -21.15
C TYR B 254 19.78 -25.87 -22.36
N PHE B 255 20.05 -24.61 -22.72
CA PHE B 255 19.38 -23.96 -23.84
C PHE B 255 20.14 -22.70 -24.18
N THR B 256 19.80 -22.14 -25.35
CA THR B 256 20.53 -21.01 -25.88
C THR B 256 19.56 -19.86 -26.11
N CYS B 257 20.13 -18.68 -26.30
CA CYS B 257 19.33 -17.48 -26.42
C CYS B 257 18.60 -17.49 -27.75
N GLN B 258 17.33 -17.08 -27.75
CA GLN B 258 16.53 -16.99 -28.96
C GLN B 258 16.16 -15.54 -29.25
N CYS B 259 16.90 -14.57 -28.72
CA CYS B 259 16.49 -13.19 -28.86
C CYS B 259 16.54 -12.78 -30.34
N GLY B 260 17.39 -13.44 -31.12
CA GLY B 260 17.39 -13.25 -32.57
C GLY B 260 18.14 -11.99 -33.01
N SER B 261 18.82 -11.29 -32.11
CA SER B 261 19.49 -10.06 -32.47
C SER B 261 20.78 -10.38 -33.22
N GLU B 262 21.20 -9.47 -34.11
CA GLU B 262 22.53 -9.52 -34.69
C GLU B 262 23.57 -9.49 -33.57
N LYS B 263 23.21 -8.86 -32.45
CA LYS B 263 24.13 -8.66 -31.36
C LYS B 263 24.06 -9.80 -30.34
N CYS B 264 23.28 -10.85 -30.64
CA CYS B 264 23.11 -11.93 -29.67
C CYS B 264 24.46 -12.51 -29.30
N LYS B 265 24.73 -12.61 -28.00
CA LYS B 265 25.97 -13.18 -27.54
C LYS B 265 25.71 -14.48 -26.77
N HIS B 266 24.49 -15.03 -26.82
CA HIS B 266 24.22 -16.24 -26.06
C HIS B 266 23.52 -17.28 -26.93
N SER B 267 23.45 -17.07 -28.26
CA SER B 267 22.92 -18.07 -29.19
C SER B 267 23.88 -19.26 -29.30
N ALA B 268 23.36 -20.39 -29.79
CA ALA B 268 24.16 -21.52 -30.23
C ALA B 268 25.33 -21.09 -31.11
N GLU B 269 25.06 -20.20 -32.08
CA GLU B 269 26.06 -19.73 -33.02
C GLU B 269 27.17 -19.01 -32.26
N ALA B 270 26.78 -18.08 -31.37
CA ALA B 270 27.75 -17.30 -30.62
C ALA B 270 28.56 -18.18 -29.67
N ILE B 271 27.91 -19.19 -29.09
CA ILE B 271 28.61 -20.11 -28.20
C ILE B 271 29.62 -20.93 -29.01
N ALA B 272 29.24 -21.39 -30.20
CA ALA B 272 30.15 -22.18 -31.04
C ALA B 272 31.34 -21.33 -31.47
N LEU B 273 31.12 -20.05 -31.81
CA LEU B 273 32.21 -19.18 -32.24
C LEU B 273 33.24 -19.00 -31.11
N GLU B 274 32.78 -19.04 -29.86
CA GLU B 274 33.66 -18.94 -28.70
C GLU B 274 34.31 -20.31 -28.41
N GLN B 275 33.56 -21.39 -28.63
CA GLN B 275 34.13 -22.74 -28.52
C GLN B 275 35.29 -22.89 -29.50
N SER B 276 35.23 -22.25 -30.67
CA SER B 276 36.45 -22.09 -31.45
C SER B 276 37.19 -20.86 -30.94
N ARG B 277 37.81 -21.03 -29.75
CA ARG B 277 38.57 -20.02 -29.06
C ARG B 277 38.79 -18.79 -29.97
N SAM C . -11.03 18.19 19.56
CA SAM C . -9.71 17.52 19.45
C SAM C . -8.71 18.49 18.82
O SAM C . -7.61 18.03 18.53
OXT SAM C . -9.09 19.68 18.65
CB SAM C . -9.84 16.26 18.58
CG SAM C . -10.33 15.06 19.34
SD SAM C . -8.93 14.46 20.32
CE SAM C . -8.88 12.73 19.85
C5' SAM C . -9.67 14.30 21.95
C4' SAM C . -9.69 15.62 22.73
O4' SAM C . -10.64 16.53 22.10
C3' SAM C . -10.16 15.48 24.16
O3' SAM C . -9.15 15.21 25.12
C2' SAM C . -10.75 16.87 24.40
O2' SAM C . -9.73 17.81 24.64
C1' SAM C . -11.47 17.11 23.09
N9 SAM C . -12.80 16.52 23.09
C8 SAM C . -13.25 15.42 22.37
N7 SAM C . -14.50 15.12 22.61
C5 SAM C . -14.92 16.05 23.55
C6 SAM C . -16.16 16.26 24.20
N6 SAM C . -17.24 15.52 24.01
N1 SAM C . -16.23 17.29 25.08
C2 SAM C . -15.14 18.04 25.28
N3 SAM C . -13.94 17.96 24.70
C4 SAM C . -13.89 16.93 23.84
C14 A1AEB D . -9.42 9.29 22.30
C13 A1AEB D . -9.47 9.04 20.81
C12 A1AEB D . -9.88 7.61 21.15
N4 A1AEB D . -9.42 7.88 22.52
C11 A1AEB D . -10.47 7.66 23.50
C10 A1AEB D . -10.61 6.17 23.93
O1 A1AEB D . -10.81 5.30 22.82
C9 A1AEB D . -9.44 5.56 24.74
O A1AEB D . -8.92 6.46 25.70
C8 A1AEB D . -7.90 6.00 26.48
C7 A1AEB D . -7.33 4.73 26.41
C15 A1AEB D . -7.42 6.93 27.40
O2 A1AEB D . -8.10 8.14 27.39
C16 A1AEB D . -7.75 9.09 28.41
C17 A1AEB D . -6.35 6.56 28.25
C18 A1AEB D . -5.79 5.28 28.16
C6 A1AEB D . -6.24 4.35 27.22
N3 A1AEB D . -5.80 3.09 27.04
C2 A1AEB D . -4.66 2.55 27.53
N1 A1AEB D . -3.79 3.19 28.36
N2 A1AEB D . -4.39 1.26 27.16
C3 A1AEB D . -3.29 0.61 27.57
C4 A1AEB D . -3.03 -0.68 27.15
C5 A1AEB D . -2.40 1.27 28.44
C1 A1AEB D . -2.68 2.58 28.83
N A1AEB D . -1.86 3.21 29.66
C A1AEB D . -2.15 4.63 30.00
ZN ZN E . -10.76 -13.87 0.50
ZN ZN F . -12.49 -11.78 -2.14
ZN ZN G . -13.85 -15.13 -1.24
ZN ZN H . -21.82 14.21 26.33
N SAM I . 9.53 -17.12 -20.94
CA SAM I . 9.34 -17.35 -19.48
C SAM I . 8.00 -18.11 -19.27
O SAM I . 7.64 -18.26 -18.10
OXT SAM I . 7.36 -18.49 -20.30
CB SAM I . 9.34 -16.02 -18.72
CG SAM I . 10.73 -15.49 -18.43
SD SAM I . 11.50 -16.41 -17.04
CE SAM I . 12.06 -15.09 -15.97
C5' SAM I . 13.11 -16.88 -17.71
C4' SAM I . 13.03 -18.15 -18.54
O4' SAM I . 12.42 -17.84 -19.82
C3' SAM I . 14.39 -18.75 -18.88
O3' SAM I . 14.87 -19.64 -17.89
C2' SAM I . 14.07 -19.45 -20.20
O2' SAM I . 13.33 -20.62 -20.04
C1' SAM I . 13.19 -18.39 -20.86
N9 SAM I . 13.93 -17.34 -21.56
C8 SAM I . 14.09 -16.03 -21.18
N7 SAM I . 14.78 -15.32 -22.03
C5 SAM I . 15.13 -16.21 -23.02
C6 SAM I . 15.88 -16.07 -24.21
N6 SAM I . 16.44 -14.92 -24.60
N1 SAM I . 16.06 -17.15 -24.98
C2 SAM I . 15.49 -18.30 -24.59
N3 SAM I . 14.78 -18.56 -23.50
C4 SAM I . 14.64 -17.47 -22.74
C14 A1AEB J . 15.72 -14.33 -14.42
C13 A1AEB J . 14.78 -13.22 -14.00
C12 A1AEB J . 16.03 -12.37 -13.91
N4 A1AEB J . 16.76 -13.64 -13.69
C11 A1AEB J . 18.05 -13.75 -14.44
C10 A1AEB J . 19.20 -12.92 -13.77
O1 A1AEB J . 18.82 -11.60 -13.35
C9 A1AEB J . 19.75 -13.60 -12.46
O A1AEB J . 19.90 -15.03 -12.64
C8 A1AEB J . 20.36 -15.77 -11.59
C7 A1AEB J . 20.68 -15.23 -10.34
C15 A1AEB J . 20.53 -17.14 -11.81
O2 A1AEB J . 20.18 -17.53 -13.08
C16 A1AEB J . 20.15 -18.92 -13.34
C17 A1AEB J . 21.03 -17.98 -10.82
C18 A1AEB J . 21.33 -17.43 -9.57
C6 A1AEB J . 21.17 -16.04 -9.31
N3 A1AEB J . 21.48 -15.38 -8.17
C2 A1AEB J . 21.80 -15.93 -6.98
N1 A1AEB J . 21.78 -17.24 -6.75
N2 A1AEB J . 22.16 -15.10 -5.98
C3 A1AEB J . 22.49 -15.56 -4.76
C4 A1AEB J . 22.85 -14.67 -3.71
C5 A1AEB J . 22.46 -16.92 -4.51
C1 A1AEB J . 22.11 -17.77 -5.53
N A1AEB J . 22.06 -19.09 -5.28
C A1AEB J . 21.84 -20.05 -6.41
ZN ZN K . 11.09 13.78 0.14
ZN ZN L . 8.44 14.98 -2.36
ZN ZN M . 11.33 17.11 -1.48
ZN ZN N . 20.46 -13.15 -27.53
#